data_3DKO
#
_entry.id   3DKO
#
_cell.length_a   52.658
_cell.length_b   52.658
_cell.length_c   217.059
_cell.angle_alpha   90.00
_cell.angle_beta   90.00
_cell.angle_gamma   120.00
#
_symmetry.space_group_name_H-M   'P 65'
#
loop_
_entity.id
_entity.type
_entity.pdbx_description
1 polymer 'Ephrin type-A receptor 7'
2 non-polymer 5-[(2-methyl-5-{[3-(trifluoromethyl)phenyl]carbamoyl}phenyl)amino]pyridine-3-carboxamide
3 water water
#
_entity_poly.entity_id   1
_entity_poly.type   'polypeptide(L)'
_entity_poly.pdbx_seq_one_letter_code
;MQEGDEELYFHFKFPGTKTYIDPETYEDPNRAVHQFAKELDASCIKIERVIGAGEFGEVCSGRLKLPGKRDVAVAIKTLK
VGYTEKQRRDFLCEASIMGQFDHPNVVHLEGVVTRGKPVMIVIEFMENGALDAFLRKHDGQFTVIQLVGMLRGIAAGMRY
LADMGYVHRDLAARNILVNSNLVCKVSDFGLSRVIEDDPEAVYTTTGGKIPVRWTAPEAIQYRKFTSASDVWSYGIVMWE
VMSYGERPYWDMSNQDVIKAIEEGYRLPAPMDCPAGLHQLMLDCWQKERAERPKFEQIVGILDKMIRNPNSAHHHHHH
;
_entity_poly.pdbx_strand_id   A
#
loop_
_chem_comp.id
_chem_comp.type
_chem_comp.name
_chem_comp.formula
IHZ non-polymer 5-[(2-methyl-5-{[3-(trifluoromethyl)phenyl]carbamoyl}phenyl)amino]pyridine-3-carboxamide 'C21 H17 F3 N4 O2'
#
# COMPACT_ATOMS: atom_id res chain seq x y z
N THR A 19 -12.48 -3.96 -14.41
CA THR A 19 -12.40 -4.87 -13.23
C THR A 19 -11.08 -5.62 -13.16
N TYR A 20 -10.59 -5.83 -11.95
CA TYR A 20 -9.43 -6.66 -11.67
C TYR A 20 -9.61 -8.13 -12.12
N ILE A 21 -8.56 -8.69 -12.72
CA ILE A 21 -8.53 -10.11 -13.07
C ILE A 21 -7.37 -10.76 -12.34
N ASP A 22 -7.66 -11.81 -11.56
CA ASP A 22 -6.62 -12.60 -10.92
C ASP A 22 -5.78 -13.32 -11.99
N PRO A 23 -4.50 -12.89 -12.15
CA PRO A 23 -3.62 -13.46 -13.19
C PRO A 23 -3.43 -14.98 -13.07
N GLU A 24 -3.83 -15.54 -11.93
CA GLU A 24 -3.72 -16.99 -11.69
C GLU A 24 -4.96 -17.79 -12.15
N THR A 25 -5.94 -17.08 -12.71
CA THR A 25 -7.03 -17.72 -13.44
C THR A 25 -6.63 -17.96 -14.90
N TYR A 26 -5.45 -17.44 -15.26
CA TYR A 26 -4.86 -17.64 -16.58
C TYR A 26 -4.11 -18.97 -16.64
N GLU A 27 -4.35 -19.74 -17.71
CA GLU A 27 -3.71 -21.04 -17.91
C GLU A 27 -2.19 -20.92 -18.06
N ASP A 28 -1.75 -19.81 -18.65
CA ASP A 28 -0.33 -19.45 -18.73
C ASP A 28 -0.10 -18.09 -18.05
N PRO A 29 0.76 -18.07 -17.01
CA PRO A 29 0.99 -16.87 -16.20
C PRO A 29 1.64 -15.73 -16.99
N ASN A 30 2.44 -16.10 -17.98
CA ASN A 30 3.15 -15.18 -18.88
C ASN A 30 2.20 -14.34 -19.74
N ARG A 31 1.06 -14.92 -20.11
CA ARG A 31 0.04 -14.20 -20.88
C ARG A 31 -0.49 -12.98 -20.10
N ALA A 32 -0.65 -13.14 -18.80
CA ALA A 32 -1.10 -12.05 -17.95
C ALA A 32 -0.06 -10.93 -17.95
N VAL A 33 1.21 -11.33 -17.87
CA VAL A 33 2.33 -10.40 -17.87
C VAL A 33 2.30 -9.55 -19.13
N HIS A 34 2.16 -10.20 -20.29
CA HIS A 34 2.19 -9.49 -21.57
C HIS A 34 0.92 -8.65 -21.84
N GLN A 35 -0.19 -9.01 -21.21
CA GLN A 35 -1.45 -8.27 -21.33
C GLN A 35 -1.44 -6.96 -20.54
N PHE A 36 -0.92 -6.99 -19.31
CA PHE A 36 -1.04 -5.86 -18.39
C PHE A 36 0.24 -5.08 -18.12
N ALA A 37 1.36 -5.54 -18.68
CA ALA A 37 2.67 -4.93 -18.44
C ALA A 37 3.44 -4.71 -19.74
N LYS A 38 3.71 -3.44 -20.04
CA LYS A 38 4.47 -3.05 -21.22
C LYS A 38 5.92 -3.55 -21.16
N GLU A 39 6.35 -4.26 -22.20
CA GLU A 39 7.76 -4.63 -22.32
C GLU A 39 8.62 -3.39 -22.61
N LEU A 40 9.66 -3.19 -21.81
CA LEU A 40 10.54 -2.05 -21.99
C LEU A 40 11.87 -2.47 -22.60
N ASP A 41 12.47 -1.55 -23.35
CA ASP A 41 13.83 -1.74 -23.85
C ASP A 41 14.88 -1.51 -22.77
N ALA A 42 15.70 -2.54 -22.52
CA ALA A 42 16.66 -2.49 -21.41
C ALA A 42 17.66 -1.32 -21.50
N SER A 43 18.06 -0.98 -22.72
CA SER A 43 19.01 0.11 -22.94
C SER A 43 18.43 1.51 -22.64
N CYS A 44 17.11 1.61 -22.48
CA CYS A 44 16.39 2.84 -22.06
C CYS A 44 16.25 2.97 -20.54
N ILE A 45 16.78 2.00 -19.80
CA ILE A 45 16.72 1.97 -18.35
C ILE A 45 18.12 2.19 -17.78
N LYS A 46 18.25 3.15 -16.87
CA LYS A 46 19.51 3.40 -16.18
C LYS A 46 19.38 3.14 -14.68
N ILE A 47 20.16 2.17 -14.16
CA ILE A 47 20.20 1.92 -12.72
C ILE A 47 21.24 2.87 -12.11
N GLU A 48 20.89 3.58 -11.04
CA GLU A 48 21.81 4.56 -10.41
C GLU A 48 22.32 4.21 -9.02
N ARG A 49 21.42 3.81 -8.12
CA ARG A 49 21.82 3.38 -6.78
C ARG A 49 20.91 2.29 -6.25
N VAL A 50 21.48 1.45 -5.38
CA VAL A 50 20.71 0.40 -4.70
C VAL A 50 19.98 1.02 -3.52
N ILE A 51 18.67 0.74 -3.43
CA ILE A 51 17.86 1.28 -2.33
C ILE A 51 17.25 0.20 -1.44
N GLY A 52 17.28 -1.05 -1.89
CA GLY A 52 16.70 -2.17 -1.16
C GLY A 52 17.27 -3.50 -1.59
N ALA A 53 17.16 -4.50 -0.70
CA ALA A 53 17.61 -5.86 -0.99
C ALA A 53 16.42 -6.70 -1.46
N GLU A 55 13.04 -9.02 -2.01
CA GLU A 55 13.09 -10.43 -2.43
C GLU A 55 13.24 -10.51 -3.94
N PHE A 56 13.73 -11.66 -4.41
CA PHE A 56 14.00 -11.91 -5.82
C PHE A 56 15.29 -11.24 -6.31
N GLY A 57 15.60 -10.06 -5.76
CA GLY A 57 16.83 -9.35 -6.11
C GLY A 57 16.91 -7.98 -5.48
N GLU A 58 17.75 -7.13 -6.04
CA GLU A 58 17.93 -5.78 -5.51
C GLU A 58 16.85 -4.82 -5.98
N VAL A 59 16.59 -3.78 -5.19
CA VAL A 59 15.75 -2.68 -5.62
C VAL A 59 16.63 -1.45 -5.74
N CYS A 60 16.53 -0.79 -6.90
CA CYS A 60 17.38 0.32 -7.25
C CYS A 60 16.53 1.51 -7.65
N SER A 61 17.11 2.71 -7.60
CA SER A 61 16.47 3.85 -8.21
C SER A 61 17.22 4.11 -9.50
N GLY A 62 16.60 4.81 -10.42
CA GLY A 62 17.25 5.08 -11.70
C GLY A 62 16.40 5.96 -12.58
N ARG A 63 16.62 5.84 -13.88
CA ARG A 63 15.82 6.61 -14.83
C ARG A 63 15.40 5.80 -16.05
N LEU A 64 14.27 6.21 -16.64
CA LEU A 64 13.72 5.56 -17.82
C LEU A 64 13.56 6.59 -18.95
N LYS A 65 14.12 6.24 -20.11
CA LYS A 65 14.05 7.12 -21.28
C LYS A 65 12.71 6.94 -21.99
N LEU A 66 12.06 8.07 -22.27
CA LEU A 66 10.82 8.08 -23.03
C LEU A 66 11.04 8.87 -24.33
N PRO A 67 10.56 8.33 -25.47
CA PRO A 67 10.79 9.02 -26.75
C PRO A 67 10.24 10.45 -26.79
N GLY A 68 11.13 11.42 -26.97
CA GLY A 68 10.76 12.83 -27.08
C GLY A 68 10.58 13.57 -25.77
N LYS A 69 10.15 12.82 -24.74
CA LYS A 69 9.95 13.37 -23.40
C LYS A 69 11.22 13.24 -22.55
N ARG A 70 11.33 14.11 -21.54
CA ARG A 70 12.43 14.03 -20.56
C ARG A 70 12.38 12.69 -19.81
N ASP A 71 13.54 12.28 -19.27
CA ASP A 71 13.67 11.01 -18.56
C ASP A 71 12.89 11.07 -17.27
N VAL A 72 12.24 9.97 -16.90
CA VAL A 72 11.55 9.95 -15.60
C VAL A 72 12.26 9.07 -14.57
N ALA A 73 12.17 9.49 -13.32
CA ALA A 73 12.73 8.77 -12.19
C ALA A 73 11.89 7.53 -11.94
N VAL A 74 12.57 6.41 -11.81
CA VAL A 74 11.90 5.14 -11.59
C VAL A 74 12.55 4.37 -10.46
N ALA A 75 11.78 3.46 -9.87
CA ALA A 75 12.33 2.42 -9.01
C ALA A 75 12.40 1.17 -9.86
N ILE A 76 13.46 0.40 -9.67
CA ILE A 76 13.73 -0.76 -10.52
C ILE A 76 13.94 -1.97 -9.64
N LYS A 77 13.03 -2.94 -9.73
CA LYS A 77 13.11 -4.17 -8.95
C LYS A 77 13.76 -5.21 -9.86
N THR A 78 14.90 -5.74 -9.46
CA THR A 78 15.62 -6.68 -10.32
C THR A 78 15.43 -8.13 -9.91
N LEU A 79 15.46 -9.02 -10.90
CA LEU A 79 15.47 -10.44 -10.62
C LEU A 79 16.91 -10.94 -10.70
N LYS A 80 17.50 -11.20 -9.53
CA LYS A 80 18.86 -11.69 -9.43
C LYS A 80 19.05 -12.90 -10.35
N VAL A 81 20.20 -12.95 -11.01
CA VAL A 81 20.56 -14.04 -11.93
C VAL A 81 20.54 -15.41 -11.21
N GLY A 82 20.42 -16.48 -11.98
CA GLY A 82 20.42 -17.83 -11.42
C GLY A 82 19.04 -18.30 -11.02
N TYR A 83 18.02 -17.53 -11.41
CA TYR A 83 16.64 -17.89 -11.15
C TYR A 83 16.16 -19.02 -12.05
N THR A 84 15.13 -19.73 -11.62
CA THR A 84 14.47 -20.75 -12.43
C THR A 84 13.30 -20.13 -13.22
N GLU A 85 12.73 -20.89 -14.15
CA GLU A 85 11.52 -20.47 -14.85
C GLU A 85 10.42 -20.14 -13.83
N LYS A 86 10.28 -21.03 -12.84
CA LYS A 86 9.32 -20.89 -11.75
C LYS A 86 9.48 -19.59 -10.97
N GLN A 87 10.72 -19.22 -10.65
CA GLN A 87 11.00 -18.01 -9.87
C GLN A 87 10.67 -16.73 -10.65
N ARG A 88 10.94 -16.77 -11.94
CA ARG A 88 10.62 -15.68 -12.84
C ARG A 88 9.10 -15.43 -12.86
N ARG A 89 8.33 -16.52 -12.99
CA ARG A 89 6.86 -16.46 -12.95
C ARG A 89 6.33 -15.67 -11.75
N ASP A 90 6.75 -16.06 -10.55
CA ASP A 90 6.26 -15.45 -9.32
C ASP A 90 6.66 -13.98 -9.19
N PHE A 91 7.88 -13.69 -9.62
CA PHE A 91 8.40 -12.32 -9.64
C PHE A 91 7.51 -11.46 -10.53
N LEU A 92 7.28 -11.93 -11.75
CA LEU A 92 6.52 -11.16 -12.73
C LEU A 92 5.02 -11.01 -12.43
N CYS A 93 4.47 -11.95 -11.67
N CYS A 93 4.47 -11.95 -11.67
CA CYS A 93 3.07 -11.92 -11.22
CA CYS A 93 3.06 -11.90 -11.28
C CYS A 93 2.68 -10.55 -10.66
C CYS A 93 2.68 -10.55 -10.66
N GLU A 94 3.64 -9.92 -9.99
CA GLU A 94 3.46 -8.60 -9.40
C GLU A 94 3.15 -7.54 -10.46
N ALA A 95 3.82 -7.61 -11.60
CA ALA A 95 3.57 -6.67 -12.68
C ALA A 95 2.18 -6.89 -13.29
N SER A 96 1.79 -8.16 -13.42
CA SER A 96 0.46 -8.54 -13.91
C SER A 96 -0.64 -7.95 -13.05
N ILE A 97 -0.40 -7.90 -11.73
CA ILE A 97 -1.32 -7.28 -10.79
C ILE A 97 -1.26 -5.75 -10.94
N MET A 98 -0.11 -5.17 -10.60
CA MET A 98 0.08 -3.71 -10.66
C MET A 98 -0.41 -3.02 -11.92
N GLY A 99 -0.11 -3.61 -13.09
CA GLY A 99 -0.37 -2.97 -14.37
C GLY A 99 -1.84 -2.88 -14.75
N GLN A 100 -2.70 -3.48 -13.93
CA GLN A 100 -4.14 -3.42 -14.14
C GLN A 100 -4.71 -2.12 -13.55
N PHE A 101 -3.91 -1.41 -12.76
CA PHE A 101 -4.39 -0.22 -12.04
C PHE A 101 -3.93 1.12 -12.63
N ASP A 102 -4.79 2.13 -12.51
CA ASP A 102 -4.48 3.48 -12.94
C ASP A 102 -5.25 4.48 -12.06
N HIS A 103 -4.60 4.87 -10.96
CA HIS A 103 -5.14 5.80 -10.00
C HIS A 103 -3.98 6.59 -9.37
N PRO A 104 -4.16 7.89 -9.12
CA PRO A 104 -3.06 8.69 -8.56
C PRO A 104 -2.58 8.27 -7.16
N ASN A 105 -3.36 7.46 -6.46
CA ASN A 105 -2.97 6.98 -5.12
C ASN A 105 -2.69 5.48 -5.10
N VAL A 106 -2.33 4.93 -6.25
CA VAL A 106 -1.90 3.55 -6.37
C VAL A 106 -0.62 3.62 -7.18
N VAL A 107 0.44 2.98 -6.69
CA VAL A 107 1.75 3.08 -7.34
C VAL A 107 1.69 2.53 -8.79
N HIS A 108 2.32 3.27 -9.70
CA HIS A 108 2.17 3.09 -11.15
C HIS A 108 3.32 2.27 -11.74
N LEU A 109 2.94 1.26 -12.51
CA LEU A 109 3.89 0.41 -13.21
C LEU A 109 4.25 1.06 -14.53
N GLU A 110 5.55 1.29 -14.75
CA GLU A 110 6.03 1.77 -16.03
C GLU A 110 6.10 0.64 -17.05
N GLY A 111 6.67 -0.49 -16.62
CA GLY A 111 6.67 -1.69 -17.44
C GLY A 111 7.63 -2.74 -16.92
N VAL A 112 8.04 -3.64 -17.80
CA VAL A 112 8.85 -4.80 -17.42
C VAL A 112 9.89 -5.17 -18.49
N VAL A 113 10.93 -5.88 -18.06
CA VAL A 113 11.83 -6.58 -18.99
C VAL A 113 11.72 -8.04 -18.59
N THR A 114 11.30 -8.88 -19.54
CA THR A 114 10.92 -10.27 -19.24
C THR A 114 11.80 -11.33 -19.92
N ARG A 115 12.39 -10.99 -21.06
CA ARG A 115 13.25 -11.90 -21.81
C ARG A 115 14.39 -11.14 -22.44
N GLY A 116 15.51 -11.84 -22.67
CA GLY A 116 16.59 -11.35 -23.52
C GLY A 116 17.55 -10.42 -22.82
N LYS A 117 17.09 -9.86 -21.70
CA LYS A 117 17.87 -8.92 -20.90
C LYS A 117 17.61 -9.22 -19.45
N PRO A 118 18.43 -8.68 -18.52
CA PRO A 118 18.19 -8.90 -17.10
C PRO A 118 16.74 -8.54 -16.74
N VAL A 119 16.08 -9.44 -16.01
CA VAL A 119 14.64 -9.30 -15.74
C VAL A 119 14.37 -8.22 -14.71
N MET A 120 13.40 -7.35 -15.01
CA MET A 120 13.11 -6.18 -14.18
C MET A 120 11.63 -5.85 -14.14
N ILE A 121 11.22 -5.26 -13.02
CA ILE A 121 9.95 -4.55 -12.91
C ILE A 121 10.28 -3.07 -12.69
N VAL A 122 9.68 -2.19 -13.49
CA VAL A 122 10.03 -0.76 -13.45
C VAL A 122 8.82 0.06 -13.00
N ILE A 123 8.99 0.78 -11.90
CA ILE A 123 7.87 1.41 -11.18
C ILE A 123 8.15 2.88 -10.97
N GLU A 124 7.12 3.71 -10.90
CA GLU A 124 7.31 5.13 -10.55
C GLU A 124 8.09 5.25 -9.24
N PHE A 125 8.99 6.22 -9.22
CA PHE A 125 9.88 6.41 -8.10
C PHE A 125 9.16 7.21 -7.02
N MET A 126 9.29 6.75 -5.79
CA MET A 126 8.64 7.42 -4.68
C MET A 126 9.74 7.82 -3.71
N GLU A 127 10.14 9.08 -3.79
CA GLU A 127 11.34 9.60 -3.14
C GLU A 127 11.41 9.35 -1.62
N ASN A 128 10.27 9.49 -0.94
CA ASN A 128 10.27 9.42 0.52
C ASN A 128 10.07 8.00 1.07
N GLY A 129 9.98 7.04 0.16
CA GLY A 129 9.94 5.61 0.51
C GLY A 129 8.70 5.23 1.29
N ALA A 130 8.83 4.28 2.21
CA ALA A 130 7.71 3.74 2.95
C ALA A 130 7.25 4.71 4.02
N LEU A 131 5.93 4.85 4.12
CA LEU A 131 5.30 5.83 4.99
C LEU A 131 5.64 5.66 6.46
N ASP A 132 5.71 4.41 6.95
CA ASP A 132 6.04 4.21 8.36
C ASP A 132 7.44 4.74 8.75
N ALA A 133 8.46 4.43 7.95
CA ALA A 133 9.82 4.89 8.21
C ALA A 133 9.90 6.41 8.03
N PHE A 134 9.19 6.92 7.04
CA PHE A 134 9.16 8.36 6.76
C PHE A 134 8.60 9.11 7.97
N LEU A 135 7.49 8.63 8.53
CA LEU A 135 6.89 9.31 9.67
C LEU A 135 7.80 9.27 10.91
N ARG A 136 8.45 8.13 11.13
CA ARG A 136 9.32 7.96 12.31
C ARG A 136 10.48 8.94 12.24
N LYS A 137 10.97 9.17 11.02
CA LYS A 137 12.03 10.11 10.75
C LYS A 137 11.54 11.56 10.93
N HIS A 138 10.25 11.80 10.74
CA HIS A 138 9.72 13.16 10.80
C HIS A 138 8.72 13.31 11.93
N ASP A 139 8.98 12.61 13.02
CA ASP A 139 8.10 12.55 14.17
C ASP A 139 7.70 13.95 14.65
N GLY A 140 6.40 14.22 14.69
CA GLY A 140 5.89 15.50 15.19
C GLY A 140 5.90 16.67 14.24
N GLN A 141 6.26 16.45 12.98
CA GLN A 141 6.48 17.56 12.05
C GLN A 141 5.31 17.91 11.16
N PHE A 142 4.27 17.09 11.18
CA PHE A 142 3.13 17.33 10.32
C PHE A 142 1.90 17.75 11.10
N THR A 143 1.17 18.72 10.55
CA THR A 143 -0.07 19.14 11.15
C THR A 143 -1.14 18.08 10.96
N VAL A 144 -2.23 18.21 11.73
CA VAL A 144 -3.37 17.32 11.59
C VAL A 144 -3.88 17.31 10.15
N ILE A 145 -4.05 18.49 9.56
CA ILE A 145 -4.55 18.57 8.18
C ILE A 145 -3.64 17.83 7.18
N GLN A 146 -2.32 17.94 7.37
CA GLN A 146 -1.35 17.23 6.54
C GLN A 146 -1.47 15.72 6.68
N LEU A 147 -1.56 15.24 7.93
CA LEU A 147 -1.71 13.82 8.22
C LEU A 147 -3.04 13.27 7.69
N VAL A 148 -4.09 14.09 7.79
CA VAL A 148 -5.39 13.73 7.25
C VAL A 148 -5.33 13.67 5.71
N GLY A 149 -4.62 14.60 5.08
CA GLY A 149 -4.43 14.56 3.62
C GLY A 149 -3.75 13.25 3.19
N MET A 150 -2.79 12.79 3.97
CA MET A 150 -2.12 11.52 3.70
C MET A 150 -3.09 10.34 3.77
N LEU A 151 -3.87 10.29 4.84
CA LEU A 151 -4.90 9.26 5.03
C LEU A 151 -5.99 9.31 3.95
N ARG A 152 -6.34 10.52 3.55
CA ARG A 152 -7.31 10.72 2.45
C ARG A 152 -6.81 10.12 1.14
N GLY A 153 -5.53 10.36 0.83
CA GLY A 153 -4.90 9.75 -0.34
C GLY A 153 -4.96 8.23 -0.28
N ILE A 154 -4.51 7.65 0.84
CA ILE A 154 -4.58 6.19 1.02
C ILE A 154 -6.01 5.66 0.82
N ALA A 155 -6.99 6.34 1.43
CA ALA A 155 -8.38 5.92 1.36
C ALA A 155 -8.93 5.98 -0.06
N ALA A 156 -8.48 6.97 -0.83
CA ALA A 156 -8.88 7.15 -2.23
C ALA A 156 -8.31 6.04 -3.10
N GLY A 157 -7.06 5.67 -2.81
CA GLY A 157 -6.42 4.55 -3.47
C GLY A 157 -7.15 3.23 -3.19
N MET A 158 -7.48 3.00 -1.92
CA MET A 158 -8.26 1.82 -1.53
C MET A 158 -9.68 1.81 -2.10
N ARG A 159 -10.32 2.98 -2.18
CA ARG A 159 -11.66 3.08 -2.76
C ARG A 159 -11.61 2.63 -4.22
N TYR A 160 -10.56 3.07 -4.92
CA TYR A 160 -10.34 2.65 -6.30
C TYR A 160 -10.17 1.13 -6.39
N LEU A 161 -9.27 0.60 -5.56
CA LEU A 161 -8.97 -0.84 -5.57
C LEU A 161 -10.17 -1.70 -5.22
N ALA A 162 -10.90 -1.29 -4.18
CA ALA A 162 -12.13 -1.98 -3.78
C ALA A 162 -13.17 -2.01 -4.90
N ASP A 163 -13.33 -0.91 -5.62
N ASP A 163 -13.33 -0.90 -5.62
CA ASP A 163 -14.28 -0.81 -6.72
CA ASP A 163 -14.28 -0.82 -6.73
C ASP A 163 -13.87 -1.68 -7.91
C ASP A 163 -13.87 -1.71 -7.91
N MET A 164 -12.57 -1.92 -8.05
CA MET A 164 -12.03 -2.80 -9.10
C MET A 164 -12.15 -4.27 -8.71
N GLY A 165 -12.56 -4.53 -7.47
CA GLY A 165 -12.66 -5.89 -6.95
C GLY A 165 -11.35 -6.45 -6.43
N TYR A 166 -10.36 -5.58 -6.19
CA TYR A 166 -9.08 -6.01 -5.64
C TYR A 166 -9.01 -5.90 -4.11
N VAL A 167 -8.71 -7.03 -3.46
CA VAL A 167 -8.54 -7.07 -2.00
C VAL A 167 -7.02 -7.07 -1.75
N HIS A 168 -6.53 -6.07 -1.03
CA HIS A 168 -5.10 -5.92 -0.79
C HIS A 168 -4.49 -7.02 0.10
N ARG A 169 -5.08 -7.21 1.29
CA ARG A 169 -4.75 -8.25 2.25
C ARG A 169 -3.58 -7.90 3.18
N ASP A 170 -2.78 -6.91 2.83
CA ASP A 170 -1.66 -6.53 3.70
C ASP A 170 -1.51 -5.03 3.75
N LEU A 171 -2.63 -4.34 3.91
CA LEU A 171 -2.61 -2.88 4.02
C LEU A 171 -1.97 -2.51 5.36
N ALA A 172 -0.92 -1.69 5.28
CA ALA A 172 -0.05 -1.37 6.43
C ALA A 172 0.74 -0.15 5.99
N ALA A 173 1.12 0.71 6.93
CA ALA A 173 1.90 1.91 6.59
C ALA A 173 3.23 1.59 5.91
N ARG A 174 3.83 0.45 6.26
CA ARG A 174 5.03 -0.04 5.55
C ARG A 174 4.76 -0.32 4.07
N ASN A 175 3.49 -0.54 3.73
CA ASN A 175 3.11 -0.79 2.33
C ASN A 175 2.53 0.43 1.61
N ILE A 176 2.76 1.61 2.19
CA ILE A 176 2.38 2.87 1.56
C ILE A 176 3.66 3.63 1.22
N LEU A 177 3.74 4.10 -0.02
CA LEU A 177 4.90 4.84 -0.51
C LEU A 177 4.57 6.32 -0.61
N VAL A 178 5.58 7.16 -0.35
CA VAL A 178 5.41 8.61 -0.29
C VAL A 178 6.34 9.28 -1.32
N ASN A 179 5.80 10.23 -2.08
CA ASN A 179 6.66 11.00 -2.99
C ASN A 179 7.07 12.36 -2.41
N SER A 180 7.89 13.13 -3.14
CA SER A 180 8.38 14.42 -2.65
C SER A 180 7.27 15.36 -2.17
N ASN A 181 6.12 15.30 -2.84
CA ASN A 181 4.99 16.14 -2.49
C ASN A 181 4.08 15.61 -1.38
N LEU A 182 4.52 14.54 -0.73
CA LEU A 182 3.82 13.92 0.41
C LEU A 182 2.55 13.18 -0.03
N VAL A 183 2.44 12.93 -1.32
CA VAL A 183 1.34 12.14 -1.85
C VAL A 183 1.59 10.67 -1.51
N CYS A 184 0.59 10.04 -0.92
CA CYS A 184 0.67 8.64 -0.48
C CYS A 184 -0.03 7.72 -1.44
N LYS A 185 0.64 6.60 -1.74
CA LYS A 185 0.15 5.65 -2.73
C LYS A 185 0.23 4.21 -2.23
N VAL A 186 -0.86 3.49 -2.44
CA VAL A 186 -0.96 2.07 -2.07
C VAL A 186 0.03 1.25 -2.90
N SER A 187 0.75 0.39 -2.18
CA SER A 187 1.81 -0.47 -2.70
C SER A 187 1.77 -1.82 -1.96
N ASP A 188 2.74 -2.69 -2.21
CA ASP A 188 2.84 -3.95 -1.48
C ASP A 188 4.25 -4.52 -1.60
N PHE A 189 4.92 -4.69 -0.46
CA PHE A 189 6.29 -5.21 -0.47
C PHE A 189 6.40 -6.74 -0.25
N GLY A 190 5.25 -7.40 -0.12
CA GLY A 190 5.18 -8.86 -0.04
C GLY A 190 5.62 -9.44 1.29
N PRO A 211 0.64 -11.04 9.29
CA PRO A 211 0.64 -9.68 9.81
C PRO A 211 -0.60 -9.50 10.67
N VAL A 212 -0.63 -10.31 11.73
CA VAL A 212 -1.77 -10.43 12.60
C VAL A 212 -2.29 -9.07 13.05
N ARG A 213 -1.39 -8.17 13.44
CA ARG A 213 -1.83 -6.93 14.04
C ARG A 213 -2.47 -5.94 13.08
N TRP A 214 -2.33 -6.18 11.77
CA TRP A 214 -3.01 -5.35 10.77
C TRP A 214 -4.31 -5.98 10.25
N THR A 215 -4.56 -7.24 10.61
CA THR A 215 -5.57 -8.09 9.98
C THR A 215 -6.89 -8.19 10.79
N ALA A 216 -8.03 -8.04 10.12
CA ALA A 216 -9.36 -8.25 10.76
C ALA A 216 -9.51 -9.65 11.41
N PRO A 217 -10.23 -9.75 12.55
CA PRO A 217 -10.34 -11.07 13.19
C PRO A 217 -10.90 -12.18 12.29
N GLU A 218 -11.83 -11.84 11.37
CA GLU A 218 -12.48 -12.86 10.54
C GLU A 218 -11.54 -13.36 9.46
N ALA A 219 -10.55 -12.55 9.11
CA ALA A 219 -9.51 -12.92 8.18
C ALA A 219 -8.45 -13.76 8.87
N ILE A 220 -8.02 -13.36 10.08
CA ILE A 220 -7.07 -14.17 10.85
C ILE A 220 -7.62 -15.59 11.10
N GLN A 221 -8.86 -15.65 11.56
CA GLN A 221 -9.44 -16.91 12.04
C GLN A 221 -10.05 -17.76 10.94
N TYR A 222 -10.80 -17.15 10.04
CA TYR A 222 -11.54 -17.93 9.04
C TYR A 222 -11.10 -17.66 7.62
N ARG A 223 -9.96 -16.96 7.48
CA ARG A 223 -9.37 -16.57 6.20
C ARG A 223 -10.37 -15.87 5.30
N LYS A 224 -11.23 -15.04 5.90
CA LYS A 224 -12.22 -14.26 5.13
C LYS A 224 -11.62 -12.88 4.83
N PHE A 225 -10.89 -12.78 3.70
CA PHE A 225 -10.30 -11.54 3.27
C PHE A 225 -11.25 -10.86 2.26
N THR A 226 -11.64 -9.62 2.57
CA THR A 226 -12.57 -8.86 1.74
C THR A 226 -12.12 -7.39 1.82
N SER A 227 -12.76 -6.50 1.06
CA SER A 227 -12.52 -5.08 1.21
C SER A 227 -12.88 -4.60 2.61
N ALA A 228 -13.81 -5.31 3.27
CA ALA A 228 -14.20 -4.98 4.65
C ALA A 228 -13.10 -5.31 5.67
N SER A 229 -12.36 -6.39 5.42
CA SER A 229 -11.16 -6.66 6.20
C SER A 229 -10.01 -5.66 5.88
N ASP A 230 -9.94 -5.17 4.63
CA ASP A 230 -8.99 -4.11 4.31
C ASP A 230 -9.34 -2.84 5.07
N VAL A 231 -10.63 -2.60 5.32
CA VAL A 231 -11.05 -1.42 6.11
C VAL A 231 -10.52 -1.51 7.54
N TRP A 232 -10.55 -2.70 8.12
CA TRP A 232 -9.95 -2.89 9.45
C TRP A 232 -8.46 -2.50 9.39
N SER A 233 -7.74 -3.04 8.39
CA SER A 233 -6.32 -2.72 8.19
C SER A 233 -6.11 -1.22 8.04
N TYR A 234 -6.97 -0.58 7.28
CA TYR A 234 -6.90 0.87 7.09
C TYR A 234 -6.97 1.60 8.43
N GLY A 235 -7.88 1.17 9.31
CA GLY A 235 -7.97 1.75 10.66
C GLY A 235 -6.64 1.64 11.39
N ILE A 236 -5.96 0.51 11.24
CA ILE A 236 -4.62 0.36 11.79
C ILE A 236 -3.64 1.37 11.18
N VAL A 237 -3.67 1.51 9.85
CA VAL A 237 -2.87 2.50 9.12
C VAL A 237 -3.14 3.93 9.66
N MET A 238 -4.41 4.28 9.88
CA MET A 238 -4.76 5.56 10.49
C MET A 238 -4.01 5.75 11.80
N TRP A 239 -4.01 4.71 12.64
CA TRP A 239 -3.32 4.77 13.93
C TRP A 239 -1.79 4.93 13.77
N GLU A 240 -1.20 4.12 12.89
CA GLU A 240 0.21 4.25 12.55
C GLU A 240 0.58 5.70 12.11
N VAL A 241 -0.26 6.30 11.29
CA VAL A 241 0.01 7.63 10.79
C VAL A 241 -0.05 8.67 11.94
N MET A 242 -1.11 8.58 12.75
CA MET A 242 -1.33 9.62 13.76
C MET A 242 -0.34 9.49 14.89
N SER A 243 0.31 8.32 14.97
CA SER A 243 1.36 8.07 15.96
C SER A 243 2.77 8.13 15.34
N TYR A 244 2.86 8.60 14.10
CA TYR A 244 4.16 8.74 13.42
C TYR A 244 4.95 7.43 13.34
N GLY A 245 4.29 6.35 12.93
CA GLY A 245 5.01 5.12 12.65
C GLY A 245 5.35 4.25 13.86
N GLU A 246 4.62 4.43 14.95
N GLU A 246 4.62 4.43 14.96
CA GLU A 246 4.69 3.53 16.12
CA GLU A 246 4.75 3.49 16.08
C GLU A 246 4.16 2.15 15.68
C GLU A 246 4.18 2.14 15.66
N ARG A 247 4.67 1.08 16.29
CA ARG A 247 4.21 -0.28 16.05
C ARG A 247 2.82 -0.49 16.67
N PRO A 248 1.84 -0.93 15.85
CA PRO A 248 0.53 -1.24 16.43
C PRO A 248 0.66 -2.23 17.60
N TYR A 249 0.03 -1.90 18.72
CA TYR A 249 0.03 -2.73 19.94
C TYR A 249 1.43 -2.93 20.54
N TRP A 250 2.36 -2.06 20.12
CA TRP A 250 3.70 -1.98 20.66
C TRP A 250 4.34 -3.37 20.72
N ASP A 251 4.71 -3.81 21.92
CA ASP A 251 5.44 -5.06 22.13
C ASP A 251 4.56 -6.27 22.44
N MET A 252 3.25 -6.12 22.35
CA MET A 252 2.35 -7.24 22.58
C MET A 252 2.59 -8.35 21.55
N SER A 253 2.58 -9.58 22.02
CA SER A 253 2.71 -10.75 21.15
C SER A 253 1.50 -10.85 20.25
N ASN A 254 1.63 -11.55 19.12
CA ASN A 254 0.49 -11.77 18.25
C ASN A 254 -0.67 -12.42 19.01
N GLN A 255 -0.40 -13.46 19.82
CA GLN A 255 -1.48 -14.11 20.53
C GLN A 255 -2.17 -13.16 21.51
N ASP A 256 -1.39 -12.29 22.15
CA ASP A 256 -1.95 -11.31 23.10
C ASP A 256 -2.76 -10.21 22.39
N VAL A 257 -2.36 -9.86 21.16
CA VAL A 257 -3.13 -8.92 20.35
C VAL A 257 -4.52 -9.53 20.03
N ILE A 258 -4.53 -10.73 19.47
CA ILE A 258 -5.77 -11.47 19.19
C ILE A 258 -6.72 -11.55 20.39
N LYS A 259 -6.19 -11.96 21.54
CA LYS A 259 -6.97 -12.08 22.77
C LYS A 259 -7.56 -10.74 23.19
N ALA A 260 -6.72 -9.71 23.23
CA ALA A 260 -7.15 -8.38 23.63
C ALA A 260 -8.28 -7.88 22.72
N ILE A 261 -8.10 -8.05 21.41
CA ILE A 261 -9.11 -7.64 20.44
C ILE A 261 -10.45 -8.39 20.68
N GLU A 262 -10.36 -9.68 20.92
CA GLU A 262 -11.52 -10.51 21.27
C GLU A 262 -12.23 -10.01 22.53
N GLU A 263 -11.45 -9.51 23.49
CA GLU A 263 -12.03 -9.06 24.76
C GLU A 263 -12.61 -7.63 24.65
N GLY A 264 -12.44 -7.01 23.49
CA GLY A 264 -12.95 -5.66 23.23
C GLY A 264 -11.94 -4.54 23.34
N TYR A 265 -10.65 -4.89 23.51
CA TYR A 265 -9.60 -3.87 23.56
C TYR A 265 -9.49 -3.21 22.21
N ARG A 266 -9.37 -1.87 22.20
CA ARG A 266 -9.00 -1.15 20.99
C ARG A 266 -7.94 -0.10 21.31
N LEU A 267 -7.03 0.10 20.36
CA LEU A 267 -5.93 1.06 20.56
C LEU A 267 -6.49 2.47 20.82
N PRO A 268 -5.86 3.21 21.76
CA PRO A 268 -6.35 4.56 22.08
C PRO A 268 -5.91 5.61 21.06
N ALA A 269 -6.48 6.80 21.14
CA ALA A 269 -6.09 7.93 20.30
C ALA A 269 -4.64 8.28 20.57
N PRO A 270 -3.80 8.29 19.51
CA PRO A 270 -2.43 8.80 19.65
C PRO A 270 -2.36 10.23 20.17
N MET A 271 -1.19 10.63 20.68
CA MET A 271 -0.99 12.00 21.15
C MET A 271 -1.34 12.98 20.02
N ASP A 272 -2.12 14.00 20.39
CA ASP A 272 -2.56 15.07 19.50
C ASP A 272 -3.53 14.60 18.43
N CYS A 273 -4.03 13.36 18.53
CA CYS A 273 -4.99 12.86 17.54
C CYS A 273 -6.41 13.29 17.92
N PRO A 274 -7.10 14.02 17.04
CA PRO A 274 -8.47 14.49 17.35
C PRO A 274 -9.45 13.33 17.58
N ALA A 275 -10.41 13.53 18.48
CA ALA A 275 -11.34 12.48 18.90
C ALA A 275 -12.13 11.85 17.74
N GLY A 276 -12.53 12.67 16.76
CA GLY A 276 -13.32 12.19 15.61
C GLY A 276 -12.54 11.31 14.66
N LEU A 277 -11.24 11.57 14.54
CA LEU A 277 -10.36 10.68 13.79
C LEU A 277 -10.22 9.35 14.50
N HIS A 278 -9.99 9.38 15.82
CA HIS A 278 -9.95 8.13 16.56
C HIS A 278 -11.28 7.37 16.50
N GLN A 279 -12.39 8.10 16.59
CA GLN A 279 -13.71 7.49 16.44
C GLN A 279 -13.83 6.70 15.12
N LEU A 280 -13.34 7.30 14.04
CA LEU A 280 -13.31 6.61 12.76
C LEU A 280 -12.44 5.36 12.80
N MET A 281 -11.30 5.42 13.50
CA MET A 281 -10.51 4.20 13.72
C MET A 281 -11.39 3.15 14.39
N LEU A 282 -12.09 3.55 15.46
CA LEU A 282 -12.95 2.61 16.20
C LEU A 282 -13.99 1.97 15.27
N ASP A 283 -14.56 2.78 14.36
CA ASP A 283 -15.52 2.29 13.38
C ASP A 283 -14.93 1.25 12.44
N CYS A 284 -13.72 1.48 11.97
CA CYS A 284 -13.00 0.53 11.12
C CYS A 284 -12.74 -0.80 11.86
N TRP A 285 -12.70 -0.72 13.19
CA TRP A 285 -12.39 -1.88 14.03
C TRP A 285 -13.62 -2.55 14.64
N GLN A 286 -14.78 -2.36 14.02
CA GLN A 286 -15.97 -3.06 14.47
C GLN A 286 -15.81 -4.55 14.24
N LYS A 287 -16.12 -5.34 15.25
CA LYS A 287 -16.04 -6.80 15.14
C LYS A 287 -16.88 -7.30 13.97
N GLU A 288 -18.08 -6.74 13.80
CA GLU A 288 -18.95 -7.18 12.71
C GLU A 288 -18.61 -6.35 11.47
N ARG A 289 -18.02 -7.04 10.49
CA ARG A 289 -17.47 -6.40 9.30
C ARG A 289 -18.47 -5.53 8.53
N ALA A 290 -19.73 -5.97 8.53
CA ALA A 290 -20.81 -5.25 7.88
C ALA A 290 -21.03 -3.87 8.50
N GLU A 291 -20.59 -3.69 9.74
CA GLU A 291 -20.72 -2.41 10.46
C GLU A 291 -19.60 -1.41 10.19
N ARG A 292 -18.50 -1.88 9.60
CA ARG A 292 -17.37 -1.02 9.24
C ARG A 292 -17.75 -0.11 8.07
N PRO A 293 -17.22 1.13 8.05
CA PRO A 293 -17.51 2.00 6.89
C PRO A 293 -16.89 1.45 5.60
N LYS A 294 -17.43 1.88 4.47
CA LYS A 294 -16.81 1.60 3.17
C LYS A 294 -15.79 2.70 2.93
N PHE A 295 -14.85 2.42 2.03
CA PHE A 295 -13.81 3.37 1.68
C PHE A 295 -14.39 4.68 1.16
N GLU A 296 -15.47 4.61 0.38
CA GLU A 296 -16.12 5.82 -0.13
C GLU A 296 -16.62 6.70 1.03
N GLN A 297 -17.12 6.07 2.09
CA GLN A 297 -17.56 6.78 3.29
C GLN A 297 -16.37 7.34 4.06
N ILE A 298 -15.28 6.56 4.12
CA ILE A 298 -14.04 7.02 4.74
C ILE A 298 -13.51 8.29 4.06
N VAL A 299 -13.36 8.26 2.73
CA VAL A 299 -12.95 9.46 2.00
C VAL A 299 -13.88 10.64 2.34
N GLY A 300 -15.19 10.42 2.31
CA GLY A 300 -16.17 11.47 2.60
C GLY A 300 -15.92 12.09 3.96
N ILE A 301 -15.71 11.26 4.96
CA ILE A 301 -15.45 11.71 6.33
C ILE A 301 -14.16 12.54 6.44
N LEU A 302 -13.08 12.03 5.84
CA LEU A 302 -11.82 12.77 5.84
C LEU A 302 -11.91 14.11 5.09
N ASP A 303 -12.65 14.13 3.97
CA ASP A 303 -12.89 15.37 3.23
C ASP A 303 -13.54 16.43 4.13
N LYS A 304 -14.52 16.02 4.94
CA LYS A 304 -15.19 16.92 5.87
C LYS A 304 -14.21 17.49 6.89
N MET A 305 -13.27 16.64 7.31
CA MET A 305 -12.24 17.04 8.24
C MET A 305 -11.25 18.03 7.62
N ILE A 306 -10.87 17.80 6.35
CA ILE A 306 -10.01 18.76 5.62
C ILE A 306 -10.74 20.08 5.37
N ARG A 307 -12.05 20.01 5.12
CA ARG A 307 -12.85 21.20 4.85
C ARG A 307 -13.12 22.03 6.11
N ASN A 308 -13.53 21.36 7.20
CA ASN A 308 -13.65 22.00 8.51
C ASN A 308 -12.83 21.24 9.56
N PRO A 309 -11.57 21.66 9.78
CA PRO A 309 -10.66 20.96 10.71
C PRO A 309 -11.23 20.76 12.12
N ASN A 310 -12.11 21.66 12.55
CA ASN A 310 -12.75 21.57 13.87
C ASN A 310 -13.67 20.36 14.05
N SER A 311 -14.26 19.88 12.95
CA SER A 311 -15.15 18.72 12.97
C SER A 311 -14.41 17.38 13.14
N ALA A 312 -13.09 17.45 13.31
CA ALA A 312 -12.28 16.27 13.62
C ALA A 312 -12.28 15.97 15.13
N HIS A 313 -12.66 16.95 15.94
CA HIS A 313 -12.71 16.80 17.39
C HIS A 313 -14.09 16.35 17.88
N HIS A 314 -15.08 16.39 17.00
CA HIS A 314 -16.45 15.99 17.33
C HIS A 314 -17.05 15.14 16.21
FAE IHZ B . -0.40 -1.86 -6.52
CBD IHZ B . -0.56 -2.75 -5.54
FAF IHZ B . -1.73 -3.40 -5.67
FAG IHZ B . -0.58 -2.09 -4.38
CBB IHZ B . 0.63 -3.73 -5.53
CAP IHZ B . 1.93 -3.22 -5.51
CAK IHZ B . 0.43 -5.12 -5.50
CAH IHZ B . 1.52 -5.97 -5.47
CAI IHZ B . 2.82 -5.45 -5.47
CAX IHZ B . 3.05 -4.07 -5.49
NAS IHZ B . 4.33 -3.60 -5.50
CAV IHZ B . 4.76 -2.42 -5.02
OAD IHZ B . 4.03 -1.54 -4.54
CAZ IHZ B . 6.27 -2.14 -5.14
CAQ IHZ B . 6.70 -0.83 -5.38
CAL IHZ B . 7.22 -3.14 -5.00
CAJ IHZ B . 8.57 -2.82 -5.11
CAW IHZ B . 8.99 -1.50 -5.36
CAA IHZ B . 10.49 -1.23 -5.48
CBC IHZ B . 8.05 -0.47 -5.48
NAT IHZ B . 8.36 0.83 -5.75
CAY IHZ B . 9.13 1.71 -5.05
CAO IHZ B . 9.88 1.35 -3.93
CAM IHZ B . 9.18 3.05 -5.49
NAR IHZ B . 9.94 3.95 -4.85
CAN IHZ B . 10.65 3.62 -3.77
CBA IHZ B . 10.66 2.30 -3.28
CAU IHZ B . 11.48 1.89 -2.03
OAC IHZ B . 11.59 0.69 -1.74
NAB IHZ B . 12.03 2.87 -1.31
#